data_6CIX
#
_entry.id   6CIX
#
_entity_poly.entity_id   1
_entity_poly.type   'polypeptide(L)'
_entity_poly.pdbx_seq_one_letter_code
;GRKRRQKSMTEFYH
;
_entity_poly.pdbx_strand_id   B
#
# COMPACT_ATOMS: atom_id res chain seq x y z
N GLY A 1 3.49 8.92 -10.47
CA GLY A 1 2.46 7.88 -10.27
C GLY A 1 3.07 6.60 -9.74
N ARG A 2 2.33 5.51 -9.82
CA ARG A 2 2.80 4.22 -9.35
C ARG A 2 2.30 3.10 -10.25
N LYS A 3 3.24 2.44 -10.92
CA LYS A 3 2.91 1.35 -11.83
C LYS A 3 2.42 0.14 -11.05
N ARG A 4 3.24 -0.32 -10.12
CA ARG A 4 2.88 -1.47 -9.31
C ARG A 4 2.36 -1.03 -7.95
N ARG A 5 1.10 -1.34 -7.68
CA ARG A 5 0.51 -1.02 -6.40
C ARG A 5 0.40 -2.28 -5.55
N GLN A 6 1.13 -2.29 -4.45
CA GLN A 6 1.10 -3.40 -3.52
C GLN A 6 0.33 -3.01 -2.28
N LYS A 7 -0.75 -3.72 -2.01
CA LYS A 7 -1.54 -3.48 -0.81
C LYS A 7 -0.69 -3.76 0.42
N SER A 8 -0.37 -2.71 1.14
CA SER A 8 0.40 -2.84 2.35
C SER A 8 -0.53 -3.17 3.51
N MET A 9 -0.23 -4.23 4.23
CA MET A 9 -1.07 -4.62 5.35
C MET A 9 -0.91 -3.64 6.49
N THR A 10 0.21 -2.95 6.49
CA THR A 10 0.46 -1.88 7.45
C THR A 10 -0.18 -0.56 7.00
N GLU A 11 -1.19 -0.64 6.14
CA GLU A 11 -1.86 0.54 5.61
C GLU A 11 -2.73 1.24 6.64
N PHE A 12 -2.73 0.70 7.85
CA PHE A 12 -3.53 1.26 8.92
C PHE A 12 -2.74 2.33 9.66
N TYR A 13 -2.87 3.56 9.18
CA TYR A 13 -2.12 4.68 9.72
C TYR A 13 -2.76 5.19 11.00
N HIS A 14 -2.15 4.89 12.13
CA HIS A 14 -2.65 5.33 13.42
C HIS A 14 -2.13 6.72 13.72
N GLY A 1 5.95 2.79 -8.53
CA GLY A 1 5.64 2.80 -9.97
C GLY A 1 4.38 3.59 -10.28
N ARG A 2 4.21 3.98 -11.54
CA ARG A 2 3.03 4.71 -11.95
C ARG A 2 1.87 3.76 -12.21
N LYS A 3 2.20 2.49 -12.43
CA LYS A 3 1.19 1.45 -12.57
C LYS A 3 1.42 0.37 -11.53
N ARG A 4 0.33 -0.26 -11.08
CA ARG A 4 0.37 -1.30 -10.04
C ARG A 4 0.80 -0.73 -8.69
N ARG A 5 0.48 -1.47 -7.63
CA ARG A 5 0.88 -1.07 -6.29
C ARG A 5 0.97 -2.29 -5.38
N GLN A 6 1.93 -2.25 -4.46
CA GLN A 6 2.05 -3.29 -3.46
C GLN A 6 1.35 -2.84 -2.18
N LYS A 7 0.07 -3.19 -2.07
CA LYS A 7 -0.75 -2.75 -0.96
C LYS A 7 -0.20 -3.23 0.37
N SER A 8 0.09 -2.29 1.24
CA SER A 8 0.53 -2.61 2.57
C SER A 8 -0.69 -2.79 3.47
N MET A 9 -0.80 -3.96 4.09
CA MET A 9 -1.88 -4.20 5.02
C MET A 9 -1.69 -3.33 6.26
N THR A 10 -0.46 -2.92 6.47
CA THR A 10 -0.10 -2.04 7.58
C THR A 10 -0.41 -0.57 7.25
N GLU A 11 -1.25 -0.34 6.25
CA GLU A 11 -1.59 1.03 5.84
C GLU A 11 -2.51 1.69 6.85
N PHE A 12 -2.93 0.92 7.83
CA PHE A 12 -3.78 1.42 8.90
C PHE A 12 -2.91 1.91 10.06
N TYR A 13 -2.35 3.11 9.91
CA TYR A 13 -1.42 3.67 10.88
C TYR A 13 -2.16 4.31 12.05
N HIS A 14 -3.17 3.63 12.57
CA HIS A 14 -3.88 4.12 13.74
C HIS A 14 -3.19 3.64 15.01
N GLY A 1 7.81 -4.46 -16.25
CA GLY A 1 7.06 -3.49 -17.09
C GLY A 1 6.19 -2.58 -16.26
N ARG A 2 4.89 -2.62 -16.49
CA ARG A 2 3.95 -1.79 -15.75
C ARG A 2 3.44 -2.53 -14.52
N LYS A 3 3.88 -2.07 -13.37
CA LYS A 3 3.42 -2.61 -12.09
C LYS A 3 2.71 -1.53 -11.31
N ARG A 4 1.48 -1.81 -10.92
CA ARG A 4 0.71 -0.88 -10.12
C ARG A 4 1.21 -0.87 -8.69
N ARG A 5 1.32 0.32 -8.11
CA ARG A 5 1.75 0.44 -6.72
C ARG A 5 0.65 -0.05 -5.80
N GLN A 6 0.92 -1.15 -5.11
CA GLN A 6 -0.04 -1.73 -4.19
C GLN A 6 0.01 -1.02 -2.85
N LYS A 7 -1.13 -0.93 -2.19
CA LYS A 7 -1.25 -0.19 -0.96
C LYS A 7 -0.66 -0.99 0.20
N SER A 8 -0.01 -0.28 1.12
CA SER A 8 0.62 -0.90 2.26
C SER A 8 -0.38 -1.19 3.37
N MET A 9 -0.38 -2.43 3.85
CA MET A 9 -1.27 -2.83 4.93
C MET A 9 -0.76 -2.31 6.28
N THR A 10 0.34 -1.57 6.23
CA THR A 10 0.89 -0.96 7.43
C THR A 10 0.06 0.26 7.83
N GLU A 11 -0.89 0.61 6.98
CA GLU A 11 -1.79 1.73 7.24
C GLU A 11 -2.78 1.40 8.33
N PHE A 12 -2.84 0.13 8.67
CA PHE A 12 -3.77 -0.36 9.67
C PHE A 12 -3.17 -0.27 11.06
N TYR A 13 -3.21 0.92 11.63
CA TYR A 13 -2.76 1.14 12.99
C TYR A 13 -3.84 0.70 13.96
N HIS A 14 -3.56 -0.32 14.73
CA HIS A 14 -4.54 -0.88 15.65
C HIS A 14 -4.59 -0.05 16.92
N GLY A 1 2.68 4.17 -11.40
CA GLY A 1 2.33 4.68 -10.05
C GLY A 1 3.45 4.48 -9.05
N ARG A 2 3.23 4.92 -7.82
CA ARG A 2 4.25 4.81 -6.78
C ARG A 2 4.07 3.52 -5.99
N LYS A 3 4.23 2.38 -6.67
CA LYS A 3 4.08 1.07 -6.04
C LYS A 3 2.71 0.91 -5.41
N ARG A 4 1.69 1.38 -6.11
CA ARG A 4 0.34 1.41 -5.57
C ARG A 4 -0.38 0.09 -5.80
N ARG A 5 0.14 -0.72 -6.71
CA ARG A 5 -0.46 -2.01 -6.99
C ARG A 5 -0.31 -2.94 -5.80
N GLN A 6 0.91 -3.03 -5.28
CA GLN A 6 1.21 -3.88 -4.14
C GLN A 6 0.50 -3.37 -2.89
N LYS A 7 -0.49 -4.14 -2.43
CA LYS A 7 -1.20 -3.81 -1.21
C LYS A 7 -0.24 -3.78 -0.02
N SER A 8 -0.26 -2.69 0.71
CA SER A 8 0.60 -2.53 1.87
C SER A 8 -0.19 -2.79 3.14
N MET A 9 0.38 -3.58 4.04
CA MET A 9 -0.24 -3.85 5.33
C MET A 9 -0.13 -2.64 6.23
N THR A 10 0.62 -1.65 5.75
CA THR A 10 0.77 -0.39 6.46
C THR A 10 -0.46 0.50 6.26
N GLU A 11 -1.45 -0.01 5.55
CA GLU A 11 -2.67 0.73 5.28
C GLU A 11 -3.53 0.85 6.53
N PHE A 12 -3.05 0.27 7.61
CA PHE A 12 -3.69 0.39 8.91
C PHE A 12 -3.09 1.55 9.68
N TYR A 13 -2.07 2.17 9.10
CA TYR A 13 -1.39 3.30 9.71
C TYR A 13 -0.67 4.12 8.65
N HIS A 14 -1.47 4.92 7.93
CA HIS A 14 -0.96 5.80 6.87
C HIS A 14 -0.43 5.00 5.69
N GLY A 1 2.70 3.94 -14.08
CA GLY A 1 2.28 3.11 -12.92
C GLY A 1 3.44 2.79 -12.01
N ARG A 2 3.82 3.76 -11.18
CA ARG A 2 4.96 3.59 -10.28
C ARG A 2 4.59 2.66 -9.12
N LYS A 3 3.32 2.66 -8.75
CA LYS A 3 2.85 1.85 -7.65
C LYS A 3 1.53 1.18 -8.00
N ARG A 4 1.62 -0.02 -8.54
CA ARG A 4 0.43 -0.82 -8.84
C ARG A 4 0.70 -2.28 -8.50
N ARG A 5 1.60 -2.50 -7.56
CA ARG A 5 1.94 -3.84 -7.14
C ARG A 5 1.08 -4.25 -5.95
N GLN A 6 1.26 -3.55 -4.83
CA GLN A 6 0.48 -3.82 -3.64
C GLN A 6 0.43 -2.58 -2.76
N LYS A 7 -0.75 -2.24 -2.28
CA LYS A 7 -0.93 -1.12 -1.39
C LYS A 7 -0.38 -1.47 -0.01
N SER A 8 0.18 -0.47 0.66
CA SER A 8 0.73 -0.65 2.00
C SER A 8 -0.33 -1.19 2.96
N MET A 9 -0.17 -2.45 3.35
CA MET A 9 -1.11 -3.11 4.26
C MET A 9 -1.05 -2.46 5.64
N THR A 10 0.07 -1.82 5.93
CA THR A 10 0.28 -1.21 7.23
C THR A 10 -0.45 0.14 7.36
N GLU A 11 -1.30 0.45 6.39
CA GLU A 11 -2.07 1.69 6.41
C GLU A 11 -3.15 1.62 7.49
N PHE A 12 -3.40 0.42 7.96
CA PHE A 12 -4.38 0.19 9.00
C PHE A 12 -3.72 0.23 10.37
N TYR A 13 -2.62 0.95 10.46
CA TYR A 13 -1.85 1.03 11.70
C TYR A 13 -1.01 2.31 11.71
N HIS A 14 -1.24 3.15 12.70
CA HIS A 14 -0.53 4.42 12.81
C HIS A 14 0.80 4.23 13.54
N GLY A 1 1.88 -1.50 -11.96
CA GLY A 1 2.98 -0.53 -12.10
C GLY A 1 3.76 -0.37 -10.80
N ARG A 2 4.37 0.79 -10.60
CA ARG A 2 5.14 1.04 -9.39
C ARG A 2 4.26 1.65 -8.31
N LYS A 3 3.20 2.31 -8.74
CA LYS A 3 2.33 3.04 -7.82
C LYS A 3 1.21 2.16 -7.33
N ARG A 4 1.30 1.78 -6.05
CA ARG A 4 0.25 1.01 -5.39
C ARG A 4 0.01 -0.33 -6.10
N ARG A 5 1.09 -0.98 -6.49
CA ARG A 5 1.01 -2.33 -7.04
C ARG A 5 0.61 -3.28 -5.92
N GLN A 6 1.49 -3.40 -4.94
CA GLN A 6 1.19 -4.13 -3.73
C GLN A 6 0.77 -3.13 -2.66
N LYS A 7 -0.47 -3.24 -2.19
CA LYS A 7 -1.02 -2.27 -1.27
C LYS A 7 -0.36 -2.39 0.10
N SER A 8 0.27 -1.31 0.54
CA SER A 8 0.91 -1.25 1.84
C SER A 8 -0.16 -1.33 2.94
N MET A 9 -0.09 -2.40 3.74
CA MET A 9 -1.07 -2.62 4.80
C MET A 9 -0.88 -1.63 5.94
N THR A 10 0.19 -0.86 5.88
CA THR A 10 0.49 0.12 6.91
C THR A 10 -0.43 1.34 6.81
N GLU A 11 -1.28 1.34 5.80
CA GLU A 11 -2.28 2.40 5.63
C GLU A 11 -3.44 2.18 6.61
N PHE A 12 -3.33 1.10 7.38
CA PHE A 12 -4.30 0.77 8.40
C PHE A 12 -3.59 0.18 9.60
N TYR A 13 -2.81 -0.87 9.36
CA TYR A 13 -2.02 -1.49 10.40
C TYR A 13 -0.74 -0.70 10.62
N HIS A 14 -0.79 0.24 11.55
CA HIS A 14 0.36 1.09 11.83
C HIS A 14 1.31 0.41 12.80
N GLY A 1 2.46 8.22 -10.00
CA GLY A 1 3.05 7.71 -11.27
C GLY A 1 3.24 6.21 -11.24
N ARG A 2 3.69 5.69 -10.11
CA ARG A 2 3.89 4.26 -9.95
C ARG A 2 2.55 3.54 -9.93
N LYS A 3 2.33 2.67 -10.92
CA LYS A 3 1.07 1.96 -11.02
C LYS A 3 1.17 0.59 -10.34
N ARG A 4 2.39 0.21 -9.99
CA ARG A 4 2.62 -1.04 -9.26
C ARG A 4 1.98 -0.96 -7.88
N ARG A 5 0.86 -1.64 -7.71
CA ARG A 5 0.15 -1.62 -6.44
C ARG A 5 0.71 -2.65 -5.48
N GLN A 6 1.27 -2.18 -4.40
CA GLN A 6 1.75 -3.05 -3.34
C GLN A 6 0.96 -2.77 -2.07
N LYS A 7 -0.14 -3.49 -1.91
CA LYS A 7 -1.02 -3.29 -0.77
C LYS A 7 -0.32 -3.70 0.52
N SER A 8 -0.07 -2.72 1.37
CA SER A 8 0.51 -2.98 2.66
C SER A 8 -0.58 -3.32 3.67
N MET A 9 -0.35 -4.38 4.43
CA MET A 9 -1.30 -4.80 5.44
C MET A 9 -1.47 -3.70 6.48
N THR A 10 -0.36 -3.13 6.89
CA THR A 10 -0.37 -2.00 7.80
C THR A 10 -0.61 -0.68 7.05
N GLU A 11 -1.52 -0.70 6.07
CA GLU A 11 -1.87 0.53 5.35
C GLU A 11 -2.70 1.44 6.24
N PHE A 12 -3.10 0.91 7.38
CA PHE A 12 -3.82 1.67 8.38
C PHE A 12 -2.82 2.35 9.30
N TYR A 13 -2.66 3.64 9.12
CA TYR A 13 -1.63 4.39 9.82
C TYR A 13 -2.05 4.73 11.24
N HIS A 14 -1.10 5.20 12.03
CA HIS A 14 -1.35 5.51 13.43
C HIS A 14 -0.36 6.57 13.91
N GLY A 1 0.49 2.90 -19.59
CA GLY A 1 1.30 3.07 -18.36
C GLY A 1 0.46 3.00 -17.11
N ARG A 2 1.03 2.48 -16.04
CA ARG A 2 0.32 2.37 -14.76
C ARG A 2 1.31 2.19 -13.61
N LYS A 3 1.00 2.80 -12.49
CA LYS A 3 1.83 2.69 -11.30
C LYS A 3 1.17 1.77 -10.28
N ARG A 4 1.98 1.19 -9.40
CA ARG A 4 1.45 0.27 -8.39
C ARG A 4 2.09 0.54 -7.04
N ARG A 5 1.38 0.18 -5.99
CA ARG A 5 1.88 0.30 -4.63
C ARG A 5 1.27 -0.81 -3.77
N GLN A 6 1.68 -2.03 -4.07
CA GLN A 6 1.14 -3.20 -3.41
C GLN A 6 2.00 -3.60 -2.20
N LYS A 7 1.48 -3.34 -1.01
CA LYS A 7 2.11 -3.79 0.21
C LYS A 7 1.04 -4.01 1.28
N SER A 8 1.46 -4.25 2.52
CA SER A 8 0.51 -4.45 3.61
C SER A 8 -0.51 -3.32 3.68
N MET A 9 -1.77 -3.66 3.46
CA MET A 9 -2.86 -2.68 3.55
C MET A 9 -3.06 -2.23 4.99
N THR A 10 -2.40 -2.93 5.90
CA THR A 10 -2.42 -2.59 7.32
C THR A 10 -1.48 -1.40 7.59
N GLU A 11 -1.05 -0.75 6.52
CA GLU A 11 -0.14 0.40 6.61
C GLU A 11 -0.84 1.62 7.19
N PHE A 12 -2.14 1.50 7.35
CA PHE A 12 -2.94 2.57 7.91
C PHE A 12 -3.06 2.39 9.43
N TYR A 13 -2.15 3.02 10.15
CA TYR A 13 -2.09 2.89 11.61
C TYR A 13 -3.18 3.74 12.26
N HIS A 14 -3.42 3.49 13.55
CA HIS A 14 -4.42 4.21 14.32
C HIS A 14 -5.81 3.95 13.76
N GLY A 1 1.15 4.47 -16.31
CA GLY A 1 1.71 3.29 -17.03
C GLY A 1 1.22 1.98 -16.44
N ARG A 2 2.09 0.99 -16.40
CA ARG A 2 1.74 -0.31 -15.86
C ARG A 2 2.47 -0.56 -14.55
N LYS A 3 2.76 0.52 -13.82
CA LYS A 3 3.44 0.41 -12.54
C LYS A 3 2.44 0.16 -11.42
N ARG A 4 2.34 -1.08 -11.00
CA ARG A 4 1.41 -1.45 -9.94
C ARG A 4 2.18 -1.75 -8.65
N ARG A 5 2.06 -0.85 -7.69
CA ARG A 5 2.75 -1.03 -6.42
C ARG A 5 1.76 -1.21 -5.29
N GLN A 6 1.86 -2.35 -4.63
CA GLN A 6 0.97 -2.71 -3.53
C GLN A 6 1.33 -1.92 -2.28
N LYS A 7 0.34 -1.22 -1.73
CA LYS A 7 0.51 -0.49 -0.50
C LYS A 7 0.27 -1.41 0.68
N SER A 8 1.00 -1.18 1.77
CA SER A 8 0.86 -1.98 2.97
C SER A 8 -0.54 -1.82 3.56
N MET A 9 -1.30 -2.90 3.54
CA MET A 9 -2.68 -2.90 4.05
C MET A 9 -2.69 -2.65 5.56
N THR A 10 -1.58 -2.97 6.21
CA THR A 10 -1.45 -2.76 7.65
C THR A 10 -1.09 -1.29 7.94
N GLU A 11 -1.39 -0.40 7.00
CA GLU A 11 -1.15 1.02 7.18
C GLU A 11 -2.16 1.60 8.15
N PHE A 12 -3.19 0.83 8.40
CA PHE A 12 -4.26 1.21 9.32
C PHE A 12 -3.89 0.76 10.72
N TYR A 13 -2.83 1.37 11.26
CA TYR A 13 -2.31 1.00 12.56
C TYR A 13 -1.50 2.16 13.13
N HIS A 14 -2.20 3.09 13.78
CA HIS A 14 -1.60 4.30 14.33
C HIS A 14 -0.96 5.13 13.23
N GLY A 1 6.73 4.25 -16.53
CA GLY A 1 5.31 3.83 -16.55
C GLY A 1 5.09 2.48 -15.87
N ARG A 2 5.24 2.46 -14.56
CA ARG A 2 5.04 1.24 -13.79
C ARG A 2 3.92 1.42 -12.77
N LYS A 3 3.21 0.36 -12.48
CA LYS A 3 2.13 0.41 -11.51
C LYS A 3 2.48 -0.37 -10.26
N ARG A 4 2.33 0.26 -9.11
CA ARG A 4 2.66 -0.36 -7.84
C ARG A 4 1.40 -0.94 -7.20
N ARG A 5 1.17 -2.23 -7.44
CA ARG A 5 0.00 -2.91 -6.90
C ARG A 5 0.27 -3.30 -5.45
N GLN A 6 -0.80 -3.69 -4.75
CA GLN A 6 -0.73 -4.06 -3.34
C GLN A 6 -0.24 -2.88 -2.49
N LYS A 7 -1.18 -2.05 -2.09
CA LYS A 7 -0.88 -0.89 -1.27
C LYS A 7 -0.32 -1.33 0.09
N SER A 8 0.56 -0.49 0.65
CA SER A 8 1.17 -0.76 1.95
C SER A 8 0.10 -0.97 3.02
N MET A 9 -0.05 -2.22 3.43
CA MET A 9 -1.11 -2.61 4.37
C MET A 9 -0.77 -2.14 5.78
N THR A 10 0.43 -1.61 5.96
CA THR A 10 0.86 -1.11 7.25
C THR A 10 0.25 0.25 7.56
N GLU A 11 -0.55 0.76 6.63
CA GLU A 11 -1.21 2.06 6.81
C GLU A 11 -2.37 1.95 7.79
N PHE A 12 -2.72 0.72 8.12
CA PHE A 12 -3.84 0.46 9.02
C PHE A 12 -3.35 0.45 10.46
N TYR A 13 -3.54 1.57 11.14
CA TYR A 13 -3.14 1.69 12.52
C TYR A 13 -4.19 1.07 13.44
N HIS A 14 -3.78 0.05 14.17
CA HIS A 14 -4.66 -0.63 15.10
C HIS A 14 -4.67 0.10 16.44
N GLY A 1 6.25 3.02 -1.42
CA GLY A 1 5.77 2.66 -2.77
C GLY A 1 4.40 3.24 -3.05
N ARG A 2 3.64 2.58 -3.93
CA ARG A 2 2.29 3.00 -4.23
C ARG A 2 1.29 2.09 -3.55
N LYS A 3 0.32 2.67 -2.85
CA LYS A 3 -0.70 1.90 -2.14
C LYS A 3 -1.76 1.34 -3.09
N ARG A 4 -1.29 0.61 -4.09
CA ARG A 4 -2.17 -0.02 -5.07
C ARG A 4 -1.38 -1.07 -5.84
N ARG A 5 -0.36 -0.62 -6.56
CA ARG A 5 0.57 -1.52 -7.23
C ARG A 5 1.33 -2.33 -6.19
N GLN A 6 1.86 -1.65 -5.19
CA GLN A 6 2.56 -2.30 -4.11
C GLN A 6 1.67 -2.27 -2.86
N LYS A 7 0.50 -2.90 -2.98
CA LYS A 7 -0.48 -2.85 -1.91
C LYS A 7 -0.05 -3.73 -0.74
N SER A 8 0.17 -3.09 0.40
CA SER A 8 0.52 -3.80 1.62
C SER A 8 -0.58 -3.62 2.65
N MET A 9 -0.68 -4.57 3.59
CA MET A 9 -1.64 -4.45 4.68
C MET A 9 -1.17 -3.40 5.67
N THR A 10 0.09 -2.99 5.53
CA THR A 10 0.65 -1.94 6.37
C THR A 10 0.21 -0.56 5.87
N GLU A 11 -0.71 -0.54 4.91
CA GLU A 11 -1.19 0.73 4.34
C GLU A 11 -2.11 1.45 5.32
N PHE A 12 -2.49 0.74 6.37
CA PHE A 12 -3.37 1.29 7.38
C PHE A 12 -2.55 2.05 8.42
N TYR A 13 -2.54 3.36 8.29
CA TYR A 13 -1.72 4.20 9.14
C TYR A 13 -2.28 5.62 9.15
N HIS A 14 -2.88 5.99 10.27
CA HIS A 14 -3.47 7.32 10.43
C HIS A 14 -2.41 8.31 10.87
N GLY A 1 7.19 0.14 -11.11
CA GLY A 1 6.75 1.50 -10.70
C GLY A 1 6.05 2.24 -11.82
N ARG A 2 5.17 1.56 -12.54
CA ARG A 2 4.43 2.17 -13.63
C ARG A 2 3.22 2.92 -13.11
N LYS A 3 2.18 2.20 -12.74
CA LYS A 3 0.94 2.81 -12.30
C LYS A 3 0.16 1.89 -11.36
N ARG A 4 0.86 1.01 -10.66
CA ARG A 4 0.22 0.13 -9.70
C ARG A 4 0.98 0.13 -8.38
N ARG A 5 0.38 -0.44 -7.36
CA ARG A 5 0.97 -0.43 -6.03
C ARG A 5 0.48 -1.62 -5.22
N GLN A 6 1.41 -2.40 -4.70
CA GLN A 6 1.06 -3.49 -3.80
C GLN A 6 0.70 -2.91 -2.44
N LYS A 7 -0.52 -3.14 -2.01
CA LYS A 7 -1.00 -2.56 -0.78
C LYS A 7 -0.48 -3.33 0.42
N SER A 8 0.13 -2.61 1.36
CA SER A 8 0.66 -3.22 2.55
C SER A 8 -0.37 -3.14 3.68
N MET A 9 -0.49 -4.22 4.45
CA MET A 9 -1.50 -4.31 5.50
C MET A 9 -1.11 -3.45 6.70
N THR A 10 0.12 -2.96 6.70
CA THR A 10 0.59 -2.06 7.75
C THR A 10 0.15 -0.63 7.50
N GLU A 11 -0.66 -0.43 6.47
CA GLU A 11 -1.13 0.91 6.10
C GLU A 11 -2.18 1.42 7.08
N PHE A 12 -2.60 0.54 7.97
CA PHE A 12 -3.65 0.87 8.91
C PHE A 12 -3.07 1.48 10.18
N TYR A 13 -3.09 2.81 10.23
CA TYR A 13 -2.65 3.55 11.40
C TYR A 13 -3.29 4.93 11.40
N HIS A 14 -4.32 5.08 12.22
CA HIS A 14 -5.09 6.32 12.27
C HIS A 14 -5.81 6.42 13.60
N GLY A 1 -1.93 2.26 -14.07
CA GLY A 1 -1.48 1.12 -14.91
C GLY A 1 -1.28 -0.13 -14.10
N ARG A 2 -0.67 -1.14 -14.69
CA ARG A 2 -0.39 -2.40 -13.97
C ARG A 2 0.91 -2.27 -13.20
N LYS A 3 1.75 -1.36 -13.63
CA LYS A 3 3.05 -1.13 -12.99
C LYS A 3 2.87 -0.29 -11.73
N ARG A 4 2.30 -0.90 -10.70
CA ARG A 4 2.06 -0.21 -9.44
C ARG A 4 2.73 -0.94 -8.28
N ARG A 5 3.17 -0.18 -7.30
CA ARG A 5 3.71 -0.76 -6.08
C ARG A 5 2.64 -0.70 -5.00
N GLN A 6 1.91 -1.79 -4.87
CA GLN A 6 0.75 -1.85 -3.99
C GLN A 6 1.17 -1.73 -2.53
N LYS A 7 0.88 -0.58 -1.94
CA LYS A 7 1.21 -0.32 -0.57
C LYS A 7 0.25 -1.07 0.36
N SER A 8 0.82 -1.87 1.25
CA SER A 8 0.03 -2.63 2.21
C SER A 8 -0.77 -1.70 3.12
N MET A 9 -2.09 -1.81 3.05
CA MET A 9 -2.99 -0.94 3.80
C MET A 9 -2.92 -1.25 5.29
N THR A 10 -2.31 -2.38 5.61
CA THR A 10 -2.22 -2.85 6.98
C THR A 10 -1.19 -2.10 7.80
N GLU A 11 -0.47 -1.19 7.14
CA GLU A 11 0.51 -0.35 7.85
C GLU A 11 -0.19 0.75 8.61
N PHE A 12 -1.47 0.89 8.34
CA PHE A 12 -2.32 1.84 9.04
C PHE A 12 -3.02 1.13 10.19
N TYR A 13 -3.16 1.82 11.31
CA TYR A 13 -3.80 1.24 12.47
C TYR A 13 -4.31 2.32 13.41
N HIS A 14 -5.59 2.65 13.27
CA HIS A 14 -6.22 3.63 14.13
C HIS A 14 -6.74 2.97 15.41
N GLY A 1 1.09 6.58 -11.71
CA GLY A 1 0.27 5.76 -10.80
C GLY A 1 1.03 4.58 -10.25
N ARG A 2 0.52 3.39 -10.48
CA ARG A 2 1.15 2.18 -9.96
C ARG A 2 1.29 1.11 -11.03
N LYS A 3 2.51 0.66 -11.26
CA LYS A 3 2.76 -0.44 -12.17
C LYS A 3 2.54 -1.77 -11.47
N ARG A 4 1.26 -2.08 -11.22
CA ARG A 4 0.87 -3.32 -10.55
C ARG A 4 1.49 -3.41 -9.16
N ARG A 5 1.63 -2.26 -8.51
CA ARG A 5 2.21 -2.20 -7.18
C ARG A 5 1.12 -2.26 -6.13
N GLN A 6 1.45 -2.80 -4.96
CA GLN A 6 0.51 -2.89 -3.85
C GLN A 6 1.19 -2.48 -2.55
N LYS A 7 0.84 -1.31 -2.05
CA LYS A 7 1.42 -0.83 -0.82
C LYS A 7 0.78 -1.53 0.38
N SER A 8 1.56 -1.73 1.43
CA SER A 8 1.08 -2.34 2.65
C SER A 8 0.03 -1.44 3.30
N MET A 9 -1.23 -1.81 3.14
CA MET A 9 -2.34 -1.01 3.64
C MET A 9 -2.47 -1.14 5.15
N THR A 10 -1.59 -1.94 5.73
CA THR A 10 -1.52 -2.10 7.18
C THR A 10 -0.84 -0.90 7.83
N GLU A 11 -0.50 0.08 6.99
CA GLU A 11 0.11 1.33 7.47
C GLU A 11 -0.93 2.24 8.14
N PHE A 12 -2.10 1.68 8.40
CA PHE A 12 -3.19 2.40 9.05
C PHE A 12 -3.91 1.50 10.03
N TYR A 13 -4.41 2.10 11.10
CA TYR A 13 -5.13 1.38 12.15
C TYR A 13 -4.24 0.29 12.76
N HIS A 14 -3.20 0.72 13.45
CA HIS A 14 -2.25 -0.18 14.07
C HIS A 14 -2.78 -0.65 15.42
N GLY A 1 6.05 2.27 -13.17
CA GLY A 1 6.12 2.58 -11.72
C GLY A 1 5.38 1.53 -10.91
N ARG A 2 5.33 1.73 -9.59
CA ARG A 2 4.66 0.78 -8.71
C ARG A 2 3.66 1.49 -7.80
N LYS A 3 3.30 2.71 -8.20
CA LYS A 3 2.37 3.53 -7.43
C LYS A 3 1.06 2.81 -7.19
N ARG A 4 0.81 2.46 -5.92
CA ARG A 4 -0.43 1.84 -5.48
C ARG A 4 -0.68 0.51 -6.20
N ARG A 5 0.39 -0.17 -6.58
CA ARG A 5 0.28 -1.47 -7.23
C ARG A 5 0.28 -2.57 -6.20
N GLN A 6 0.94 -2.32 -5.08
CA GLN A 6 1.04 -3.29 -4.00
C GLN A 6 0.24 -2.81 -2.79
N LYS A 7 -0.44 -3.73 -2.13
CA LYS A 7 -1.20 -3.39 -0.95
C LYS A 7 -0.30 -3.40 0.27
N SER A 8 -0.14 -2.24 0.89
CA SER A 8 0.71 -2.11 2.06
C SER A 8 0.13 -2.93 3.22
N MET A 9 0.95 -3.81 3.77
CA MET A 9 0.52 -4.74 4.83
C MET A 9 0.39 -4.03 6.18
N THR A 10 0.24 -2.72 6.12
CA THR A 10 0.03 -1.90 7.29
C THR A 10 -0.49 -0.54 6.85
N GLU A 11 -1.36 -0.58 5.84
CA GLU A 11 -1.90 0.63 5.23
C GLU A 11 -2.81 1.37 6.19
N PHE A 12 -3.15 0.72 7.27
CA PHE A 12 -3.97 1.32 8.31
C PHE A 12 -3.09 2.03 9.32
N TYR A 13 -2.60 3.19 8.92
CA TYR A 13 -1.73 3.99 9.77
C TYR A 13 -2.55 4.78 10.79
N HIS A 14 -1.85 5.42 11.72
CA HIS A 14 -2.49 6.23 12.77
C HIS A 14 -3.38 5.35 13.65
N GLY A 1 3.03 -5.38 -10.06
CA GLY A 1 2.76 -4.43 -11.17
C GLY A 1 3.21 -3.03 -10.85
N ARG A 2 3.88 -2.39 -11.80
CA ARG A 2 4.41 -1.05 -11.60
C ARG A 2 3.30 -0.01 -11.63
N LYS A 3 2.22 -0.30 -12.34
CA LYS A 3 1.06 0.57 -12.38
C LYS A 3 0.21 0.36 -11.12
N ARG A 4 -0.10 -0.89 -10.86
CA ARG A 4 -0.87 -1.24 -9.66
C ARG A 4 0.05 -1.33 -8.44
N ARG A 5 0.55 -0.18 -8.01
CA ARG A 5 1.46 -0.11 -6.88
C ARG A 5 0.81 -0.67 -5.61
N GLN A 6 1.46 -1.68 -5.03
CA GLN A 6 0.94 -2.34 -3.85
C GLN A 6 1.62 -1.82 -2.60
N LYS A 7 0.96 -0.89 -1.92
CA LYS A 7 1.46 -0.32 -0.69
C LYS A 7 1.04 -1.18 0.50
N SER A 8 1.86 -1.19 1.54
CA SER A 8 1.55 -1.92 2.76
C SER A 8 0.32 -1.32 3.44
N MET A 9 -0.82 -1.98 3.28
CA MET A 9 -2.09 -1.49 3.81
C MET A 9 -2.18 -1.72 5.31
N THR A 10 -1.09 -2.16 5.91
CA THR A 10 -1.03 -2.32 7.35
C THR A 10 -0.85 -0.94 8.00
N GLU A 11 -0.74 0.08 7.16
CA GLU A 11 -0.66 1.46 7.63
C GLU A 11 -1.99 1.92 8.17
N PHE A 12 -3.02 1.18 7.82
CA PHE A 12 -4.38 1.45 8.30
C PHE A 12 -4.63 0.69 9.59
N TYR A 13 -3.54 0.21 10.18
CA TYR A 13 -3.59 -0.50 11.44
C TYR A 13 -2.21 -0.44 12.09
N HIS A 14 -1.73 0.77 12.28
CA HIS A 14 -0.40 1.00 12.81
C HIS A 14 -0.34 2.33 13.54
N GLY A 1 -2.65 0.76 -13.93
CA GLY A 1 -1.73 1.04 -15.07
C GLY A 1 -0.73 -0.07 -15.25
N ARG A 2 0.46 0.26 -15.76
CA ARG A 2 1.50 -0.72 -15.94
C ARG A 2 2.25 -0.94 -14.63
N LYS A 3 2.63 0.15 -13.98
CA LYS A 3 3.31 0.07 -12.70
C LYS A 3 2.29 -0.17 -11.59
N ARG A 4 2.61 -1.09 -10.70
CA ARG A 4 1.70 -1.45 -9.63
C ARG A 4 2.45 -1.59 -8.31
N ARG A 5 2.40 -0.54 -7.50
CA ARG A 5 3.02 -0.57 -6.19
C ARG A 5 2.00 -1.03 -5.16
N GLN A 6 2.36 -2.07 -4.41
CA GLN A 6 1.48 -2.60 -3.39
C GLN A 6 1.87 -2.05 -2.02
N LYS A 7 1.32 -0.90 -1.67
CA LYS A 7 1.58 -0.30 -0.38
C LYS A 7 0.91 -1.14 0.71
N SER A 8 1.50 -1.12 1.91
CA SER A 8 0.94 -1.84 3.04
C SER A 8 -0.47 -1.30 3.35
N MET A 9 -1.48 -2.01 2.88
CA MET A 9 -2.85 -1.59 3.03
C MET A 9 -3.25 -1.54 4.51
N THR A 10 -2.64 -2.41 5.30
CA THR A 10 -2.89 -2.44 6.74
C THR A 10 -2.04 -1.37 7.45
N GLU A 11 -1.78 -0.25 6.80
CA GLU A 11 -1.04 0.86 7.41
C GLU A 11 -1.91 1.62 8.42
N PHE A 12 -3.07 1.07 8.71
CA PHE A 12 -3.96 1.65 9.70
C PHE A 12 -3.72 0.99 11.04
N TYR A 13 -3.50 1.82 12.07
CA TYR A 13 -3.20 1.36 13.42
C TYR A 13 -1.84 0.64 13.43
N HIS A 14 -0.78 1.44 13.53
CA HIS A 14 0.60 0.93 13.50
C HIS A 14 0.91 0.31 12.14
N GLY A 1 -2.66 1.83 -7.32
CA GLY A 1 -1.37 2.53 -7.48
C GLY A 1 -0.57 1.99 -8.64
N ARG A 2 0.26 2.84 -9.24
CA ARG A 2 1.08 2.42 -10.36
C ARG A 2 2.36 1.78 -9.86
N LYS A 3 3.16 2.54 -9.13
CA LYS A 3 4.41 2.03 -8.56
C LYS A 3 4.10 0.97 -7.51
N ARG A 4 3.15 1.27 -6.64
CA ARG A 4 2.77 0.35 -5.58
C ARG A 4 1.50 -0.39 -5.96
N ARG A 5 1.59 -1.31 -6.92
CA ARG A 5 0.44 -2.08 -7.35
C ARG A 5 0.08 -3.10 -6.27
N GLN A 6 1.06 -3.43 -5.45
CA GLN A 6 0.84 -4.21 -4.26
C GLN A 6 1.09 -3.32 -3.05
N LYS A 7 0.13 -2.47 -2.77
CA LYS A 7 0.27 -1.48 -1.73
C LYS A 7 0.31 -2.13 -0.35
N SER A 8 1.19 -1.63 0.50
CA SER A 8 1.34 -2.14 1.85
C SER A 8 0.05 -1.98 2.64
N MET A 9 -0.60 -3.11 2.89
CA MET A 9 -1.90 -3.12 3.55
C MET A 9 -1.77 -2.76 5.02
N THR A 10 -0.54 -2.60 5.48
CA THR A 10 -0.27 -2.21 6.85
C THR A 10 -0.42 -0.70 7.04
N GLU A 11 -0.94 -0.01 6.03
CA GLU A 11 -1.11 1.44 6.08
C GLU A 11 -2.26 1.87 6.98
N PHE A 12 -2.82 0.92 7.72
CA PHE A 12 -3.90 1.23 8.65
C PHE A 12 -3.33 1.52 10.04
N TYR A 13 -2.34 2.39 10.07
CA TYR A 13 -1.68 2.77 11.32
C TYR A 13 -2.49 3.83 12.04
N HIS A 14 -3.03 3.48 13.20
CA HIS A 14 -3.84 4.41 13.98
C HIS A 14 -3.79 4.05 15.46
N GLY A 1 1.11 6.76 -13.51
CA GLY A 1 1.13 5.28 -13.51
C GLY A 1 1.14 4.72 -12.12
N ARG A 2 0.62 3.50 -11.97
CA ARG A 2 0.55 2.86 -10.66
C ARG A 2 1.87 2.20 -10.31
N LYS A 3 2.64 2.85 -9.47
CA LYS A 3 3.91 2.31 -9.02
C LYS A 3 3.73 1.58 -7.70
N ARG A 4 2.54 1.70 -7.13
CA ARG A 4 2.18 0.96 -5.92
C ARG A 4 1.32 -0.25 -6.31
N ARG A 5 1.96 -1.27 -6.86
CA ARG A 5 1.26 -2.48 -7.26
C ARG A 5 0.69 -3.19 -6.03
N GLN A 6 1.56 -3.43 -5.06
CA GLN A 6 1.15 -4.06 -3.82
C GLN A 6 1.04 -3.01 -2.73
N LYS A 7 -0.17 -2.83 -2.21
CA LYS A 7 -0.39 -1.91 -1.13
C LYS A 7 -0.09 -2.58 0.20
N SER A 8 0.52 -1.85 1.10
CA SER A 8 0.84 -2.39 2.41
C SER A 8 -0.43 -2.59 3.21
N MET A 9 -0.72 -3.85 3.55
CA MET A 9 -1.92 -4.17 4.32
C MET A 9 -1.79 -3.63 5.73
N THR A 10 -0.57 -3.26 6.10
CA THR A 10 -0.29 -2.66 7.39
C THR A 10 -0.63 -1.16 7.38
N GLU A 11 -1.44 -0.75 6.40
CA GLU A 11 -1.84 0.64 6.22
C GLU A 11 -2.83 1.11 7.29
N PHE A 12 -2.76 0.52 8.47
CA PHE A 12 -3.64 0.90 9.56
C PHE A 12 -3.09 2.13 10.27
N TYR A 13 -1.80 2.37 10.07
CA TYR A 13 -1.16 3.56 10.61
C TYR A 13 -1.44 4.74 9.70
N HIS A 14 -1.43 5.94 10.28
CA HIS A 14 -1.74 7.16 9.56
C HIS A 14 -3.17 7.13 9.03
N GLY A 1 4.31 7.33 -12.32
CA GLY A 1 3.61 7.42 -11.03
C GLY A 1 4.04 6.33 -10.08
N ARG A 2 3.14 5.92 -9.21
CA ARG A 2 3.42 4.87 -8.24
C ARG A 2 2.22 3.96 -8.06
N LYS A 3 2.02 3.07 -9.01
CA LYS A 3 0.94 2.09 -8.92
C LYS A 3 1.33 0.97 -7.97
N ARG A 4 0.74 0.98 -6.78
CA ARG A 4 1.10 0.03 -5.75
C ARG A 4 0.39 -1.31 -5.98
N ARG A 5 1.01 -2.16 -6.77
CA ARG A 5 0.47 -3.49 -7.07
C ARG A 5 0.36 -4.32 -5.81
N GLN A 6 1.26 -4.07 -4.87
CA GLN A 6 1.23 -4.74 -3.58
C GLN A 6 0.99 -3.72 -2.48
N LYS A 7 -0.27 -3.37 -2.27
CA LYS A 7 -0.64 -2.35 -1.30
C LYS A 7 -0.20 -2.76 0.10
N SER A 8 0.48 -1.85 0.78
CA SER A 8 0.93 -2.09 2.13
C SER A 8 -0.25 -2.11 3.09
N MET A 9 -0.44 -3.23 3.78
CA MET A 9 -1.52 -3.37 4.74
C MET A 9 -1.29 -2.45 5.93
N THR A 10 -0.04 -2.06 6.11
CA THR A 10 0.34 -1.18 7.20
C THR A 10 -0.02 0.27 6.90
N GLU A 11 -0.75 0.48 5.80
CA GLU A 11 -1.25 1.81 5.46
C GLU A 11 -2.44 2.13 6.35
N PHE A 12 -3.02 1.07 6.88
CA PHE A 12 -4.15 1.18 7.79
C PHE A 12 -3.64 1.21 9.23
N TYR A 13 -4.05 2.24 9.98
CA TYR A 13 -3.59 2.40 11.36
C TYR A 13 -2.06 2.41 11.40
N HIS A 14 -1.48 3.37 10.69
CA HIS A 14 -0.04 3.47 10.58
C HIS A 14 0.54 4.15 11.80
#